data_4UHH
#
_entry.id   4UHH
#
_cell.length_a   43.310
_cell.length_b   43.310
_cell.length_c   226.850
_cell.angle_alpha   90.00
_cell.angle_beta   90.00
_cell.angle_gamma   120.00
#
_symmetry.space_group_name_H-M   'P 32 2 1'
#
loop_
_entity.id
_entity.type
_entity.pdbx_description
1 polymer ESTERASE
2 non-polymer 'CACODYLIC ACID'
3 non-polymer DI(HYDROXYETHYL)ETHER
4 non-polymer 'CHLORIDE ION'
5 water water
#
_entity_poly.entity_id   1
_entity_poly.type   'polypeptide(L)'
_entity_poly.pdbx_seq_one_letter_code
;MAQRVKITTTATPGEIELAFEDTGTGLPVLLVHGFPLDRTMWKAQREELCDEFRVIVPDLRGFGESQVIPGVATMEAMAD
DLAGLCNHLGLTGKIVLGGLSMGGYVAFAFARKYRDRLAGLILCDTRARPDSPEAKENRRRVAERVRREGPGFIAEEMIP
RLCCESTFRNHPEVIEKIRQMILSAPPEGVAAAALGMAERPDSTDLLPALSCPTLVLVGQFDAISPPEEMEAMARTIPQS
QFVVIPDAGHLPPMEQPERVTQAIREWLRKVHTE
;
_entity_poly.pdbx_strand_id   A
#
loop_
_chem_comp.id
_chem_comp.type
_chem_comp.name
_chem_comp.formula
CAD non-polymer 'CACODYLIC ACID' 'C2 H7 As O2'
CL non-polymer 'CHLORIDE ION' 'Cl -1'
PEG non-polymer DI(HYDROXYETHYL)ETHER 'C4 H10 O3'
#
# COMPACT_ATOMS: atom_id res chain seq x y z
N ALA A 2 -17.17 8.12 -2.46
CA ALA A 2 -15.87 8.07 -3.18
C ALA A 2 -15.93 8.93 -4.44
N GLN A 3 -14.75 9.12 -4.99
CA GLN A 3 -14.56 9.97 -6.15
CA GLN A 3 -14.56 9.97 -6.14
C GLN A 3 -13.87 9.15 -7.24
N ARG A 4 -14.02 9.59 -8.47
CA ARG A 4 -13.35 8.99 -9.61
CA ARG A 4 -13.30 9.02 -9.58
C ARG A 4 -12.94 10.15 -10.51
N VAL A 5 -11.64 10.33 -10.73
CA VAL A 5 -11.14 11.48 -11.48
CA VAL A 5 -11.11 11.47 -11.44
C VAL A 5 -10.06 11.02 -12.43
N LYS A 6 -10.04 11.63 -13.60
CA LYS A 6 -8.93 11.49 -14.54
CA LYS A 6 -8.97 11.50 -14.52
C LYS A 6 -7.83 12.41 -14.03
N ILE A 7 -6.67 11.84 -13.78
CA ILE A 7 -5.51 12.62 -13.33
CA ILE A 7 -5.47 12.49 -13.26
C ILE A 7 -4.46 12.62 -14.40
N THR A 8 -3.62 13.63 -14.34
CA THR A 8 -2.47 13.67 -15.17
CA THR A 8 -2.39 13.76 -15.16
C THR A 8 -1.28 13.04 -14.41
N THR A 9 -0.59 12.13 -15.07
CA THR A 9 0.52 11.39 -14.50
C THR A 9 1.69 11.44 -15.43
N THR A 10 2.89 11.52 -14.87
CA THR A 10 4.07 11.50 -15.71
C THR A 10 4.38 10.12 -16.28
N ALA A 11 3.75 9.09 -15.75
CA ALA A 11 3.91 7.73 -16.27
C ALA A 11 3.05 7.56 -17.50
N THR A 12 3.43 6.65 -18.37
CA THR A 12 2.54 6.17 -19.42
CA THR A 12 2.53 6.24 -19.44
C THR A 12 1.23 5.77 -18.78
N PRO A 13 0.06 6.11 -19.35
CA PRO A 13 -0.17 6.75 -20.63
C PRO A 13 -0.48 8.25 -20.51
N GLY A 14 -0.01 8.88 -19.44
CA GLY A 14 -0.13 10.32 -19.28
C GLY A 14 -1.38 10.79 -18.57
N GLU A 15 -2.43 10.00 -18.63
CA GLU A 15 -3.69 10.28 -17.96
CA GLU A 15 -3.71 10.30 -17.98
C GLU A 15 -4.26 8.97 -17.51
N ILE A 16 -4.86 8.96 -16.33
CA ILE A 16 -5.46 7.75 -15.84
CA ILE A 16 -5.40 7.73 -15.77
C ILE A 16 -6.59 8.11 -14.91
N GLU A 17 -7.65 7.32 -14.95
CA GLU A 17 -8.79 7.53 -14.05
CA GLU A 17 -8.76 7.54 -14.03
C GLU A 17 -8.56 6.74 -12.75
N LEU A 18 -8.47 7.45 -11.66
CA LEU A 18 -8.35 6.81 -10.35
C LEU A 18 -9.61 6.98 -9.53
N ALA A 19 -10.04 5.90 -8.89
CA ALA A 19 -11.07 5.94 -7.87
C ALA A 19 -10.38 6.08 -6.52
N PHE A 20 -10.97 6.89 -5.65
CA PHE A 20 -10.32 7.13 -4.34
C PHE A 20 -11.32 7.64 -3.36
N GLU A 21 -11.00 7.41 -2.09
CA GLU A 21 -11.67 8.06 -0.98
C GLU A 21 -10.83 9.21 -0.49
N ASP A 22 -11.49 10.23 0.05
CA ASP A 22 -10.82 11.43 0.59
C ASP A 22 -11.70 11.90 1.73
N THR A 23 -11.24 11.69 2.97
CA THR A 23 -12.11 11.82 4.16
C THR A 23 -11.34 12.56 5.24
N GLY A 24 -11.92 13.64 5.78
CA GLY A 24 -11.26 14.43 6.84
C GLY A 24 -10.63 15.67 6.32
N THR A 25 -10.21 16.49 7.28
N THR A 25 -10.14 16.48 7.25
CA THR A 25 -9.48 17.70 6.99
CA THR A 25 -9.79 17.88 6.94
C THR A 25 -8.20 17.75 7.82
C THR A 25 -8.38 18.28 7.29
N GLY A 26 -7.25 18.47 7.25
N GLY A 26 -7.76 17.54 8.18
CA GLY A 26 -6.00 18.77 7.88
CA GLY A 26 -6.44 17.88 8.65
C GLY A 26 -4.86 18.14 7.11
C GLY A 26 -5.35 17.64 7.62
N LEU A 27 -3.89 17.67 7.86
N LEU A 27 -4.16 17.38 8.12
CA LEU A 27 -2.68 17.25 7.25
CA LEU A 27 -3.00 17.20 7.28
C LEU A 27 -2.91 15.90 6.55
C LEU A 27 -3.11 15.89 6.47
N PRO A 28 -2.46 15.82 5.30
CA PRO A 28 -2.78 14.72 4.41
C PRO A 28 -1.97 13.44 4.66
N VAL A 29 -2.69 12.34 4.69
CA VAL A 29 -2.13 11.00 4.87
C VAL A 29 -2.70 10.15 3.73
N LEU A 30 -1.82 9.66 2.87
N LEU A 30 -1.82 9.66 2.86
CA LEU A 30 -2.27 8.85 1.74
CA LEU A 30 -2.20 8.82 1.72
C LEU A 30 -1.90 7.42 2.09
C LEU A 30 -1.85 7.38 1.97
N LEU A 31 -2.85 6.49 2.00
CA LEU A 31 -2.64 5.08 2.33
C LEU A 31 -2.82 4.22 1.10
N VAL A 32 -1.82 3.36 0.85
CA VAL A 32 -1.73 2.55 -0.38
C VAL A 32 -1.90 1.08 -0.04
N HIS A 33 -2.89 0.45 -0.70
CA HIS A 33 -3.19 -0.95 -0.47
C HIS A 33 -2.17 -1.89 -1.06
N GLY A 34 -2.31 -3.17 -0.65
CA GLY A 34 -1.49 -4.26 -1.15
C GLY A 34 -2.04 -4.97 -2.35
N PHE A 35 -1.34 -6.03 -2.73
CA PHE A 35 -1.69 -6.82 -3.89
C PHE A 35 -2.39 -8.11 -3.50
N PRO A 36 -3.43 -8.54 -4.25
CA PRO A 36 -4.21 -7.84 -5.25
C PRO A 36 -5.50 -7.34 -4.61
N LEU A 37 -5.36 -6.30 -3.78
CA LEU A 37 -6.43 -5.80 -2.94
C LEU A 37 -6.99 -4.50 -3.52
N ASP A 38 -7.58 -3.66 -2.67
CA ASP A 38 -8.16 -2.39 -3.11
C ASP A 38 -8.21 -1.45 -1.92
N ARG A 39 -8.71 -0.24 -2.18
CA ARG A 39 -8.72 0.81 -1.15
C ARG A 39 -9.46 0.42 0.09
N THR A 40 -10.42 -0.51 -0.02
CA THR A 40 -11.21 -0.88 1.13
C THR A 40 -10.41 -1.58 2.23
N MET A 41 -9.20 -2.05 1.95
N MET A 41 -9.20 -2.02 1.87
CA MET A 41 -8.47 -2.66 3.05
CA MET A 41 -8.25 -2.59 2.82
C MET A 41 -8.01 -1.64 4.09
C MET A 41 -8.02 -1.65 4.01
N TRP A 42 -8.06 -0.34 3.76
CA TRP A 42 -7.73 0.71 4.73
C TRP A 42 -8.97 1.39 5.30
N LYS A 43 -10.15 0.82 5.08
CA LYS A 43 -11.37 1.48 5.49
CA LYS A 43 -11.42 1.40 5.52
C LYS A 43 -11.41 1.86 6.96
N ALA A 44 -11.01 0.97 7.86
CA ALA A 44 -11.14 1.29 9.29
C ALA A 44 -10.27 2.48 9.66
N GLN A 45 -9.05 2.53 9.10
CA GLN A 45 -8.15 3.62 9.40
C GLN A 45 -8.66 4.92 8.82
N ARG A 46 -9.18 4.88 7.59
CA ARG A 46 -9.72 6.09 6.99
C ARG A 46 -10.91 6.63 7.80
N GLU A 47 -11.81 5.73 8.21
CA GLU A 47 -12.99 6.16 8.93
C GLU A 47 -12.74 6.64 10.32
N GLU A 48 -11.64 6.25 10.93
CA GLU A 48 -11.27 6.66 12.29
C GLU A 48 -10.30 7.83 12.34
N LEU A 49 -9.28 7.82 11.48
CA LEU A 49 -8.27 8.87 11.53
C LEU A 49 -8.78 10.21 11.00
N CYS A 50 -9.90 10.17 10.27
CA CYS A 50 -10.43 11.37 9.66
C CYS A 50 -10.95 12.40 10.68
N ASP A 51 -11.02 12.08 11.96
CA ASP A 51 -11.31 13.07 12.97
C ASP A 51 -10.17 14.02 13.22
N GLU A 52 -8.98 13.68 12.77
CA GLU A 52 -7.80 14.41 13.09
CA GLU A 52 -7.76 14.46 13.06
C GLU A 52 -6.91 14.75 11.85
N PHE A 53 -7.05 13.94 10.79
CA PHE A 53 -6.22 14.02 9.59
CA PHE A 53 -6.24 14.09 9.56
C PHE A 53 -7.12 13.96 8.35
N ARG A 54 -6.57 14.33 7.20
CA ARG A 54 -7.22 14.10 5.92
C ARG A 54 -6.64 12.84 5.32
N VAL A 55 -7.47 11.83 5.16
CA VAL A 55 -7.01 10.53 4.74
C VAL A 55 -7.48 10.26 3.32
N ILE A 56 -6.51 10.02 2.45
CA ILE A 56 -6.74 9.80 1.00
C ILE A 56 -6.34 8.35 0.71
N VAL A 57 -7.27 7.60 0.11
CA VAL A 57 -7.07 6.16 -0.10
C VAL A 57 -7.50 5.82 -1.51
N PRO A 58 -6.53 5.70 -2.42
CA PRO A 58 -6.88 5.39 -3.82
C PRO A 58 -6.86 3.90 -4.10
N ASP A 59 -7.64 3.50 -5.10
CA ASP A 59 -7.37 2.25 -5.81
C ASP A 59 -6.21 2.52 -6.78
N LEU A 60 -5.14 1.73 -6.69
CA LEU A 60 -4.06 1.86 -7.63
C LEU A 60 -4.51 1.49 -9.04
N ARG A 61 -3.73 1.95 -10.03
CA ARG A 61 -4.02 1.57 -11.42
C ARG A 61 -4.19 0.06 -11.50
N GLY A 62 -5.26 -0.34 -12.20
CA GLY A 62 -5.56 -1.75 -12.38
C GLY A 62 -6.30 -2.45 -11.28
N PHE A 63 -6.60 -1.74 -10.17
CA PHE A 63 -7.25 -2.34 -9.01
C PHE A 63 -8.55 -1.63 -8.71
N GLY A 64 -9.40 -2.34 -7.98
CA GLY A 64 -10.64 -1.76 -7.50
C GLY A 64 -11.43 -1.17 -8.64
N GLU A 65 -11.78 0.10 -8.50
CA GLU A 65 -12.57 0.84 -9.48
C GLU A 65 -11.73 1.74 -10.35
N SER A 66 -10.39 1.68 -10.23
CA SER A 66 -9.52 2.49 -11.07
C SER A 66 -9.37 1.92 -12.47
N GLN A 67 -8.96 2.78 -13.40
CA GLN A 67 -8.70 2.34 -14.76
C GLN A 67 -7.63 1.26 -14.81
N VAL A 68 -7.82 0.29 -15.69
CA VAL A 68 -6.84 -0.76 -15.94
C VAL A 68 -5.93 -0.38 -17.14
N ILE A 69 -4.60 -0.32 -16.92
CA ILE A 69 -3.63 -0.02 -17.98
C ILE A 69 -2.85 -1.31 -18.24
N PRO A 70 -3.13 -1.97 -19.38
CA PRO A 70 -2.51 -3.26 -19.63
C PRO A 70 -1.03 -3.10 -19.93
N GLY A 71 -0.31 -4.18 -19.66
CA GLY A 71 1.10 -4.31 -19.94
C GLY A 71 1.82 -4.52 -18.63
N VAL A 72 2.63 -3.55 -18.29
CA VAL A 72 3.37 -3.60 -17.07
C VAL A 72 3.00 -2.34 -16.29
N ALA A 73 2.64 -2.50 -15.01
CA ALA A 73 2.39 -1.40 -14.08
C ALA A 73 3.53 -1.37 -13.10
N THR A 74 4.55 -0.58 -13.42
CA THR A 74 5.73 -0.51 -12.56
C THR A 74 5.39 0.20 -11.24
N MET A 75 6.22 -0.07 -10.24
CA MET A 75 6.06 0.64 -8.97
C MET A 75 6.26 2.14 -9.17
N GLU A 76 7.22 2.52 -10.03
CA GLU A 76 7.41 3.91 -10.38
C GLU A 76 6.17 4.52 -10.99
N ALA A 77 5.53 3.81 -11.92
CA ALA A 77 4.31 4.36 -12.52
C ALA A 77 3.22 4.56 -11.46
N MET A 78 3.10 3.60 -10.55
CA MET A 78 2.08 3.75 -9.50
CA MET A 78 2.13 3.73 -9.44
C MET A 78 2.41 4.99 -8.64
N ALA A 79 3.69 5.20 -8.32
CA ALA A 79 4.09 6.37 -7.57
C ALA A 79 3.81 7.67 -8.33
N ASP A 80 4.10 7.66 -9.64
CA ASP A 80 3.79 8.81 -10.47
C ASP A 80 2.31 9.12 -10.43
N ASP A 81 1.47 8.10 -10.45
CA ASP A 81 0.02 8.31 -10.37
C ASP A 81 -0.34 8.97 -9.04
N LEU A 82 0.29 8.52 -7.94
CA LEU A 82 0.01 9.16 -6.65
C LEU A 82 0.41 10.62 -6.65
N ALA A 83 1.56 10.95 -7.22
CA ALA A 83 1.97 12.35 -7.32
C ALA A 83 0.92 13.14 -8.11
N GLY A 84 0.44 12.56 -9.22
CA GLY A 84 -0.56 13.21 -10.01
C GLY A 84 -1.88 13.40 -9.31
N LEU A 85 -2.27 12.43 -8.46
CA LEU A 85 -3.47 12.59 -7.66
C LEU A 85 -3.32 13.72 -6.65
N CYS A 86 -2.17 13.75 -5.98
CA CYS A 86 -1.92 14.83 -5.03
CA CYS A 86 -1.83 14.84 -5.06
C CYS A 86 -1.96 16.18 -5.77
N ASN A 87 -1.32 16.24 -6.94
CA ASN A 87 -1.38 17.46 -7.73
C ASN A 87 -2.83 17.87 -8.02
N HIS A 88 -3.62 16.92 -8.53
CA HIS A 88 -5.07 17.18 -8.82
CA HIS A 88 -4.98 17.23 -8.83
C HIS A 88 -5.77 17.81 -7.64
N LEU A 89 -5.54 17.22 -6.46
CA LEU A 89 -6.22 17.63 -5.25
C LEU A 89 -5.68 18.92 -4.66
N GLY A 90 -4.60 19.46 -5.21
CA GLY A 90 -4.01 20.67 -4.68
C GLY A 90 -3.12 20.44 -3.47
N LEU A 91 -2.72 19.18 -3.26
N LEU A 91 -2.77 19.21 -3.17
CA LEU A 91 -1.79 18.68 -2.21
CA LEU A 91 -1.89 19.02 -2.04
C LEU A 91 -0.38 18.63 -2.78
C LEU A 91 -0.57 19.68 -2.45
N THR A 92 0.15 19.84 -3.04
N THR A 92 0.29 19.02 -3.21
CA THR A 92 1.38 20.00 -3.80
CA THR A 92 1.47 19.67 -3.84
C THR A 92 2.61 20.21 -2.91
C THR A 92 2.63 20.08 -2.90
N GLY A 93 2.39 20.14 -1.59
CA GLY A 93 3.45 20.27 -0.59
C GLY A 93 3.71 18.88 -0.05
N LYS A 94 3.85 18.73 1.28
CA LYS A 94 4.20 17.45 1.89
CA LYS A 94 4.19 17.41 1.84
C LYS A 94 3.02 16.61 2.37
N ILE A 95 3.16 15.32 2.22
CA ILE A 95 2.18 14.34 2.68
C ILE A 95 2.89 13.30 3.56
N VAL A 96 2.12 12.59 4.35
CA VAL A 96 2.56 11.29 4.86
C VAL A 96 2.04 10.24 3.89
N LEU A 97 2.94 9.33 3.49
CA LEU A 97 2.58 8.23 2.60
C LEU A 97 2.76 6.92 3.32
N GLY A 98 1.70 6.15 3.37
CA GLY A 98 1.72 4.81 3.95
C GLY A 98 1.42 3.75 2.93
N GLY A 99 2.02 2.58 3.07
CA GLY A 99 1.72 1.48 2.18
C GLY A 99 1.89 0.17 2.87
N LEU A 100 1.09 -0.81 2.44
CA LEU A 100 1.18 -2.18 2.92
C LEU A 100 1.60 -3.10 1.78
N SER A 101 2.65 -3.91 1.99
CA SER A 101 3.11 -4.93 1.07
C SER A 101 3.49 -4.32 -0.28
N MET A 102 2.79 -4.63 -1.38
CA MET A 102 3.03 -3.91 -2.65
C MET A 102 2.94 -2.41 -2.46
N GLY A 103 2.01 -1.94 -1.62
CA GLY A 103 1.92 -0.52 -1.37
C GLY A 103 3.19 0.05 -0.77
N GLY A 104 3.92 -0.76 0.03
CA GLY A 104 5.24 -0.38 0.48
C GLY A 104 6.24 -0.25 -0.67
N TYR A 105 6.16 -1.17 -1.64
CA TYR A 105 7.03 -1.04 -2.82
C TYR A 105 6.75 0.27 -3.55
N VAL A 106 5.47 0.64 -3.64
CA VAL A 106 5.09 1.91 -4.27
C VAL A 106 5.63 3.08 -3.43
N ALA A 107 5.54 2.98 -2.10
CA ALA A 107 6.07 4.02 -1.25
C ALA A 107 7.57 4.22 -1.47
N PHE A 108 8.32 3.13 -1.61
CA PHE A 108 9.75 3.28 -1.91
C PHE A 108 9.97 3.98 -3.25
N ALA A 109 9.19 3.61 -4.27
CA ALA A 109 9.32 4.26 -5.56
C ALA A 109 9.00 5.75 -5.45
N PHE A 110 8.02 6.10 -4.62
CA PHE A 110 7.66 7.51 -4.40
C PHE A 110 8.80 8.24 -3.67
N ALA A 111 9.37 7.61 -2.65
CA ALA A 111 10.47 8.23 -1.92
C ALA A 111 11.69 8.45 -2.80
N ARG A 112 11.91 7.57 -3.76
CA ARG A 112 13.05 7.66 -4.63
CA ARG A 112 13.03 7.71 -4.70
C ARG A 112 12.91 8.94 -5.51
N LYS A 113 11.70 9.19 -5.99
CA LYS A 113 11.46 10.15 -7.06
CA LYS A 113 11.46 10.21 -7.04
C LYS A 113 10.86 11.50 -6.55
N TYR A 114 10.15 11.47 -5.43
CA TYR A 114 9.38 12.59 -4.91
C TYR A 114 9.73 12.85 -3.43
N ARG A 115 11.01 12.76 -3.10
CA ARG A 115 11.51 12.91 -1.73
CA ARG A 115 11.44 12.87 -1.71
C ARG A 115 10.96 14.18 -1.05
N ASP A 116 10.95 15.27 -1.81
CA ASP A 116 10.58 16.56 -1.23
CA ASP A 116 10.56 16.61 -1.35
C ASP A 116 9.09 16.69 -0.94
N ARG A 117 8.30 15.69 -1.34
CA ARG A 117 6.88 15.70 -1.04
CA ARG A 117 6.87 15.63 -1.06
C ARG A 117 6.54 14.86 0.19
N LEU A 118 7.54 14.32 0.89
CA LEU A 118 7.27 13.48 2.06
C LEU A 118 7.53 14.17 3.40
N ALA A 119 6.51 14.21 4.24
CA ALA A 119 6.65 14.50 5.66
C ALA A 119 6.94 13.27 6.47
N GLY A 120 6.59 12.08 5.95
CA GLY A 120 6.81 10.84 6.67
C GLY A 120 6.38 9.67 5.83
N LEU A 121 6.82 8.51 6.23
CA LEU A 121 6.50 7.24 5.58
CA LEU A 121 6.57 7.26 5.57
C LEU A 121 5.98 6.27 6.60
N ILE A 122 4.97 5.48 6.20
CA ILE A 122 4.47 4.36 7.02
C ILE A 122 4.64 3.10 6.16
N LEU A 123 5.47 2.18 6.61
CA LEU A 123 5.80 0.98 5.86
C LEU A 123 5.27 -0.21 6.62
N CYS A 124 4.24 -0.86 6.08
CA CYS A 124 3.59 -1.98 6.76
C CYS A 124 3.84 -3.26 6.00
N ASP A 125 4.33 -4.29 6.66
CA ASP A 125 4.27 -5.65 6.09
C ASP A 125 4.81 -5.68 4.67
N THR A 126 6.08 -5.28 4.55
CA THR A 126 6.71 -5.09 3.23
C THR A 126 8.20 -5.33 3.34
N ARG A 127 8.90 -5.15 2.23
CA ARG A 127 10.35 -5.34 2.17
CA ARG A 127 10.36 -5.28 2.20
C ARG A 127 10.93 -4.42 1.11
N ALA A 128 12.20 -4.08 1.27
CA ALA A 128 12.93 -3.19 0.35
C ALA A 128 13.70 -3.93 -0.73
N ARG A 129 14.02 -5.20 -0.50
CA ARG A 129 14.74 -5.91 -1.54
CA ARG A 129 14.68 -6.10 -1.45
C ARG A 129 13.83 -6.24 -2.72
N PRO A 130 14.44 -6.50 -3.87
CA PRO A 130 13.68 -6.83 -5.07
C PRO A 130 13.26 -8.30 -5.01
N ASP A 131 12.50 -8.73 -6.01
CA ASP A 131 12.21 -10.15 -6.11
C ASP A 131 13.47 -10.93 -6.44
N SER A 132 13.61 -12.11 -5.83
CA SER A 132 14.61 -13.09 -6.25
C SER A 132 14.25 -13.60 -7.64
N PRO A 133 15.18 -14.30 -8.31
CA PRO A 133 14.84 -14.77 -9.64
C PRO A 133 13.64 -15.70 -9.69
N GLU A 134 13.50 -16.60 -8.72
CA GLU A 134 12.35 -17.48 -8.70
C GLU A 134 11.08 -16.70 -8.41
N ALA A 135 11.16 -15.72 -7.53
CA ALA A 135 9.98 -14.89 -7.28
C ALA A 135 9.57 -14.13 -8.54
N LYS A 136 10.52 -13.64 -9.31
CA LYS A 136 10.18 -12.97 -10.57
C LYS A 136 9.47 -13.89 -11.52
N GLU A 137 9.99 -15.11 -11.65
CA GLU A 137 9.36 -16.07 -12.53
C GLU A 137 7.95 -16.40 -12.06
N ASN A 138 7.76 -16.52 -10.75
CA ASN A 138 6.43 -16.77 -10.23
C ASN A 138 5.48 -15.62 -10.53
N ARG A 139 5.95 -14.37 -10.54
CA ARG A 139 5.14 -13.20 -11.01
CA ARG A 139 5.01 -13.35 -10.87
C ARG A 139 4.63 -13.43 -12.37
N ARG A 140 5.55 -13.82 -13.25
CA ARG A 140 5.21 -14.00 -14.64
CA ARG A 140 5.21 -14.01 -14.65
C ARG A 140 4.18 -15.12 -14.81
N ARG A 141 4.37 -16.20 -14.08
CA ARG A 141 3.42 -17.33 -14.12
CA ARG A 141 3.41 -17.30 -14.15
C ARG A 141 2.03 -16.88 -13.65
N VAL A 142 1.98 -16.11 -12.57
CA VAL A 142 0.72 -15.58 -12.09
C VAL A 142 0.08 -14.67 -13.12
N ALA A 143 0.84 -13.77 -13.72
CA ALA A 143 0.31 -12.85 -14.70
C ALA A 143 -0.30 -13.57 -15.89
N GLU A 144 0.41 -14.57 -16.39
CA GLU A 144 -0.05 -15.25 -17.58
CA GLU A 144 -0.01 -15.36 -17.55
C GLU A 144 -1.34 -16.03 -17.26
N ARG A 145 -1.42 -16.63 -16.08
CA ARG A 145 -2.60 -17.36 -15.72
CA ARG A 145 -2.56 -17.41 -15.62
C ARG A 145 -3.78 -16.49 -15.37
N VAL A 146 -3.59 -15.41 -14.62
CA VAL A 146 -4.72 -14.64 -14.15
C VAL A 146 -5.46 -14.00 -15.31
N ARG A 147 -4.76 -13.66 -16.40
CA ARG A 147 -5.43 -13.07 -17.55
C ARG A 147 -6.53 -13.97 -18.04
N ARG A 148 -6.28 -15.27 -18.00
CA ARG A 148 -7.27 -16.27 -18.48
C ARG A 148 -8.21 -16.79 -17.41
N GLU A 149 -7.69 -17.11 -16.24
CA GLU A 149 -8.50 -17.82 -15.26
CA GLU A 149 -8.45 -17.82 -15.21
C GLU A 149 -9.10 -16.90 -14.18
N GLY A 150 -8.67 -15.63 -14.12
CA GLY A 150 -9.06 -14.76 -13.04
C GLY A 150 -8.36 -15.15 -11.73
N PRO A 151 -8.59 -14.35 -10.67
CA PRO A 151 -7.79 -14.44 -9.46
C PRO A 151 -8.21 -15.48 -8.43
N GLY A 152 -9.15 -16.37 -8.74
CA GLY A 152 -9.49 -17.40 -7.75
C GLY A 152 -8.29 -18.21 -7.24
N PHE A 153 -7.39 -18.58 -8.15
CA PHE A 153 -6.23 -19.38 -7.76
C PHE A 153 -5.29 -18.57 -6.84
N ILE A 154 -5.29 -17.24 -7.01
CA ILE A 154 -4.50 -16.37 -6.14
C ILE A 154 -5.11 -16.33 -4.75
N ALA A 155 -6.43 -16.19 -4.65
CA ALA A 155 -7.06 -16.24 -3.35
C ALA A 155 -6.76 -17.57 -2.64
N GLU A 156 -6.83 -18.67 -3.39
CA GLU A 156 -6.54 -19.97 -2.80
CA GLU A 156 -6.54 -19.99 -2.85
C GLU A 156 -5.12 -20.07 -2.27
N GLU A 157 -4.15 -19.53 -2.99
CA GLU A 157 -2.74 -19.60 -2.59
C GLU A 157 -2.44 -18.61 -1.44
N MET A 158 -3.04 -17.43 -1.51
CA MET A 158 -2.62 -16.33 -0.64
C MET A 158 -3.36 -16.30 0.68
N ILE A 159 -4.66 -16.60 0.71
CA ILE A 159 -5.45 -16.39 1.94
CA ILE A 159 -5.38 -16.34 1.95
C ILE A 159 -4.80 -17.05 3.17
N PRO A 160 -4.38 -18.32 3.07
CA PRO A 160 -3.75 -18.95 4.27
C PRO A 160 -2.48 -18.25 4.73
N ARG A 161 -1.78 -17.54 3.85
CA ARG A 161 -0.54 -16.84 4.16
CA ARG A 161 -0.54 -16.84 4.17
C ARG A 161 -0.77 -15.39 4.57
N LEU A 162 -1.99 -14.86 4.39
CA LEU A 162 -2.26 -13.46 4.60
C LEU A 162 -2.68 -13.12 6.02
N CYS A 163 -3.32 -14.07 6.72
CA CYS A 163 -3.85 -13.76 8.05
CA CYS A 163 -3.96 -13.80 7.99
C CYS A 163 -3.50 -14.85 9.03
N CYS A 164 -3.52 -14.47 10.31
CA CYS A 164 -3.15 -15.39 11.35
C CYS A 164 -4.31 -16.26 11.80
N GLU A 165 -3.97 -17.33 12.54
CA GLU A 165 -4.91 -18.28 13.06
CA GLU A 165 -4.98 -18.26 13.01
C GLU A 165 -6.04 -17.58 13.83
N SER A 166 -5.70 -16.62 14.68
CA SER A 166 -6.70 -15.93 15.45
C SER A 166 -7.72 -15.19 14.60
N THR A 167 -7.29 -14.65 13.46
CA THR A 167 -8.23 -14.00 12.56
C THR A 167 -9.23 -14.99 11.96
N PHE A 168 -8.74 -16.15 11.54
CA PHE A 168 -9.66 -17.18 11.03
C PHE A 168 -10.70 -17.57 12.11
N ARG A 169 -10.30 -17.64 13.37
CA ARG A 169 -11.20 -18.03 14.44
C ARG A 169 -12.19 -16.94 14.81
N ASN A 170 -11.67 -15.75 15.05
CA ASN A 170 -12.46 -14.67 15.62
C ASN A 170 -13.12 -13.78 14.60
N HIS A 171 -12.57 -13.75 13.38
CA HIS A 171 -13.01 -12.80 12.38
C HIS A 171 -13.15 -13.43 11.00
N PRO A 172 -13.97 -14.47 10.88
CA PRO A 172 -14.23 -15.01 9.55
C PRO A 172 -14.79 -14.00 8.56
N GLU A 173 -15.47 -12.96 9.05
CA GLU A 173 -15.99 -11.92 8.19
C GLU A 173 -14.88 -11.07 7.56
N VAL A 174 -13.75 -10.94 8.26
CA VAL A 174 -12.60 -10.24 7.71
C VAL A 174 -11.97 -11.11 6.62
N ILE A 175 -11.82 -12.40 6.86
CA ILE A 175 -11.34 -13.31 5.86
C ILE A 175 -12.17 -13.19 4.57
N GLU A 176 -13.48 -13.18 4.72
CA GLU A 176 -14.34 -13.11 3.55
CA GLU A 176 -14.36 -13.12 3.57
C GLU A 176 -14.23 -11.78 2.83
N LYS A 177 -14.07 -10.67 3.56
CA LYS A 177 -13.85 -9.38 2.91
CA LYS A 177 -13.88 -9.38 2.88
C LYS A 177 -12.58 -9.40 2.07
N ILE A 178 -11.51 -9.96 2.62
CA ILE A 178 -10.25 -10.04 1.89
C ILE A 178 -10.41 -10.92 0.66
N ARG A 179 -11.08 -12.06 0.85
CA ARG A 179 -11.30 -12.95 -0.29
CA ARG A 179 -11.34 -12.95 -0.26
C ARG A 179 -12.04 -12.21 -1.40
N GLN A 180 -13.08 -11.47 -1.07
CA GLN A 180 -13.82 -10.76 -2.12
C GLN A 180 -12.99 -9.69 -2.80
N MET A 181 -12.09 -9.01 -2.05
CA MET A 181 -11.18 -8.07 -2.69
CA MET A 181 -11.19 -8.06 -2.70
C MET A 181 -10.38 -8.76 -3.79
N ILE A 182 -9.81 -9.91 -3.45
CA ILE A 182 -8.97 -10.65 -4.40
C ILE A 182 -9.80 -11.12 -5.57
N LEU A 183 -10.95 -11.73 -5.28
CA LEU A 183 -11.79 -12.30 -6.34
C LEU A 183 -12.26 -11.26 -7.33
N SER A 184 -12.45 -10.02 -6.86
CA SER A 184 -12.95 -8.92 -7.66
CA SER A 184 -12.94 -9.00 -7.77
C SER A 184 -11.84 -8.15 -8.38
N ALA A 185 -10.57 -8.48 -8.15
CA ALA A 185 -9.49 -7.67 -8.73
C ALA A 185 -9.47 -7.86 -10.25
N PRO A 186 -9.35 -6.79 -11.03
CA PRO A 186 -9.39 -6.93 -12.48
C PRO A 186 -8.28 -7.83 -12.98
N PRO A 187 -8.56 -8.85 -13.80
CA PRO A 187 -7.47 -9.75 -14.21
C PRO A 187 -6.28 -9.08 -14.85
N GLU A 188 -6.51 -8.15 -15.78
CA GLU A 188 -5.41 -7.47 -16.46
CA GLU A 188 -5.35 -7.55 -16.43
C GLU A 188 -4.63 -6.58 -15.47
N GLY A 189 -5.35 -5.98 -14.52
CA GLY A 189 -4.68 -5.16 -13.51
C GLY A 189 -3.76 -5.98 -12.61
N VAL A 190 -4.24 -7.16 -12.21
CA VAL A 190 -3.42 -8.08 -11.45
C VAL A 190 -2.18 -8.46 -12.23
N ALA A 191 -2.37 -8.82 -13.49
CA ALA A 191 -1.23 -9.22 -14.33
C ALA A 191 -0.21 -8.09 -14.46
N ALA A 192 -0.71 -6.89 -14.75
CA ALA A 192 0.20 -5.76 -14.99
C ALA A 192 1.01 -5.48 -13.73
N ALA A 193 0.37 -5.54 -12.56
CA ALA A 193 1.08 -5.27 -11.31
C ALA A 193 2.05 -6.40 -10.95
N ALA A 194 1.69 -7.64 -11.24
CA ALA A 194 2.61 -8.75 -11.00
C ALA A 194 3.88 -8.53 -11.82
N LEU A 195 3.72 -8.20 -13.10
CA LEU A 195 4.90 -7.94 -13.94
C LEU A 195 5.67 -6.72 -13.43
N GLY A 196 4.96 -5.69 -12.98
CA GLY A 196 5.65 -4.52 -12.44
C GLY A 196 6.44 -4.85 -11.20
N MET A 197 5.89 -5.64 -10.30
CA MET A 197 6.62 -6.01 -9.12
C MET A 197 7.89 -6.76 -9.48
N ALA A 198 7.82 -7.63 -10.47
CA ALA A 198 8.99 -8.41 -10.87
C ALA A 198 10.13 -7.52 -11.28
N GLU A 199 9.84 -6.36 -11.90
CA GLU A 199 10.95 -5.55 -12.35
CA GLU A 199 10.76 -5.37 -12.46
C GLU A 199 11.29 -4.37 -11.45
N ARG A 200 10.74 -4.33 -10.24
CA ARG A 200 11.05 -3.24 -9.34
C ARG A 200 12.53 -3.32 -8.93
N PRO A 201 13.15 -2.16 -8.70
CA PRO A 201 14.54 -2.16 -8.26
C PRO A 201 14.70 -2.57 -6.82
N ASP A 202 15.94 -2.84 -6.46
CA ASP A 202 16.33 -3.03 -5.07
C ASP A 202 16.31 -1.70 -4.34
N SER A 203 15.51 -1.57 -3.31
CA SER A 203 15.47 -0.36 -2.49
C SER A 203 16.31 -0.44 -1.23
N THR A 204 17.11 -1.49 -1.07
CA THR A 204 17.89 -1.63 0.17
C THR A 204 18.67 -0.37 0.48
N ASP A 205 19.42 0.15 -0.50
CA ASP A 205 20.30 1.28 -0.22
C ASP A 205 19.54 2.60 -0.16
N LEU A 206 18.29 2.65 -0.62
CA LEU A 206 17.47 3.83 -0.46
C LEU A 206 17.22 4.16 1.01
N LEU A 207 17.07 3.09 1.81
CA LEU A 207 16.58 3.27 3.18
C LEU A 207 17.49 4.14 4.06
N PRO A 208 18.81 3.93 4.05
CA PRO A 208 19.66 4.81 4.86
C PRO A 208 19.67 6.24 4.37
N ALA A 209 19.24 6.48 3.14
CA ALA A 209 19.23 7.78 2.55
C ALA A 209 17.90 8.49 2.73
N LEU A 210 16.92 7.88 3.41
CA LEU A 210 15.63 8.54 3.63
C LEU A 210 15.80 9.79 4.49
N SER A 211 14.91 10.75 4.27
CA SER A 211 14.99 12.06 4.90
C SER A 211 13.74 12.46 5.64
N CYS A 212 12.86 11.52 5.94
CA CYS A 212 11.66 11.78 6.71
C CYS A 212 11.48 10.72 7.82
N PRO A 213 10.78 11.05 8.90
CA PRO A 213 10.41 10.04 9.90
CA PRO A 213 10.48 10.03 9.88
C PRO A 213 9.67 8.90 9.26
N THR A 214 9.92 7.68 9.77
CA THR A 214 9.31 6.47 9.22
C THR A 214 8.80 5.58 10.32
N LEU A 215 7.54 5.15 10.18
CA LEU A 215 6.93 4.14 11.05
C LEU A 215 6.95 2.82 10.30
N VAL A 216 7.47 1.77 10.92
CA VAL A 216 7.53 0.44 10.36
C VAL A 216 6.62 -0.44 11.19
N LEU A 217 5.62 -1.04 10.56
CA LEU A 217 4.61 -1.80 11.26
CA LEU A 217 4.55 -1.83 11.25
C LEU A 217 4.53 -3.21 10.67
N VAL A 218 4.36 -4.21 11.54
CA VAL A 218 4.29 -5.59 11.10
C VAL A 218 3.40 -6.38 12.00
N GLY A 219 2.65 -7.33 11.45
CA GLY A 219 1.94 -8.27 12.29
C GLY A 219 2.87 -9.25 12.97
N GLN A 220 2.56 -9.57 14.24
CA GLN A 220 3.33 -10.54 15.02
C GLN A 220 3.54 -11.85 14.29
N PHE A 221 2.50 -12.26 13.53
CA PHE A 221 2.47 -13.56 12.89
C PHE A 221 2.51 -13.43 11.38
N ASP A 222 3.06 -12.33 10.85
CA ASP A 222 3.15 -12.14 9.39
C ASP A 222 4.03 -13.22 8.79
N ALA A 223 3.44 -14.06 7.92
CA ALA A 223 4.12 -15.19 7.32
C ALA A 223 4.86 -14.80 6.05
N ILE A 224 4.62 -13.63 5.53
CA ILE A 224 5.13 -13.20 4.24
C ILE A 224 6.33 -12.30 4.38
N SER A 225 6.18 -11.29 5.23
CA SER A 225 7.25 -10.34 5.58
C SER A 225 7.38 -10.40 7.11
N PRO A 226 8.15 -11.38 7.63
CA PRO A 226 8.09 -11.65 9.04
C PRO A 226 8.64 -10.52 9.90
N PRO A 227 8.26 -10.49 11.18
CA PRO A 227 8.70 -9.42 12.07
CA PRO A 227 8.74 -9.40 12.05
C PRO A 227 10.22 -9.31 12.19
N GLU A 228 10.94 -10.41 12.24
CA GLU A 228 12.40 -10.35 12.35
CA GLU A 228 12.41 -10.32 12.38
C GLU A 228 13.01 -9.62 11.17
N GLU A 229 12.51 -9.93 10.00
CA GLU A 229 12.99 -9.29 8.79
CA GLU A 229 13.03 -9.27 8.80
C GLU A 229 12.63 -7.79 8.79
N MET A 230 11.41 -7.46 9.17
CA MET A 230 11.01 -6.06 9.20
C MET A 230 11.77 -5.26 10.25
N GLU A 231 12.07 -5.87 11.40
CA GLU A 231 12.86 -5.18 12.42
C GLU A 231 14.24 -4.84 11.87
N ALA A 232 14.85 -5.80 11.16
CA ALA A 232 16.16 -5.55 10.56
C ALA A 232 16.03 -4.41 9.54
N MET A 233 14.98 -4.41 8.75
CA MET A 233 14.78 -3.33 7.79
C MET A 233 14.70 -1.99 8.51
N ALA A 234 13.93 -1.93 9.59
CA ALA A 234 13.76 -0.69 10.33
C ALA A 234 15.09 -0.17 10.87
N ARG A 235 16.00 -1.06 11.24
CA ARG A 235 17.28 -0.62 11.78
CA ARG A 235 17.35 -0.70 11.73
C ARG A 235 18.17 -0.01 10.69
N THR A 236 17.77 -0.09 9.42
CA THR A 236 18.50 0.60 8.35
C THR A 236 17.94 1.97 8.03
N ILE A 237 16.83 2.33 8.65
CA ILE A 237 16.14 3.58 8.34
C ILE A 237 16.34 4.55 9.46
N PRO A 238 16.87 5.75 9.19
CA PRO A 238 17.03 6.75 10.26
C PRO A 238 15.64 7.29 10.71
N GLN A 239 15.58 7.76 11.92
CA GLN A 239 14.35 8.29 12.41
C GLN A 239 13.19 7.32 12.25
N SER A 240 13.44 6.06 12.58
CA SER A 240 12.41 5.02 12.48
C SER A 240 11.83 4.68 13.83
N GLN A 241 10.58 4.24 13.78
CA GLN A 241 9.90 3.62 14.91
CA GLN A 241 9.92 3.59 14.92
C GLN A 241 9.35 2.28 14.43
N PHE A 242 9.52 1.24 15.20
CA PHE A 242 9.12 -0.11 14.81
C PHE A 242 8.03 -0.61 15.77
N VAL A 243 6.94 -1.11 15.23
CA VAL A 243 5.80 -1.58 16.01
CA VAL A 243 5.84 -1.61 16.03
C VAL A 243 5.36 -2.94 15.49
N VAL A 244 5.26 -3.89 16.40
CA VAL A 244 4.69 -5.21 16.12
C VAL A 244 3.28 -5.22 16.62
N ILE A 245 2.33 -5.58 15.77
CA ILE A 245 0.92 -5.65 16.10
C ILE A 245 0.58 -7.06 16.52
N PRO A 246 0.21 -7.30 17.80
CA PRO A 246 -0.04 -8.67 18.19
CA PRO A 246 -0.10 -8.65 18.25
C PRO A 246 -1.25 -9.25 17.46
N ASP A 247 -1.25 -10.57 17.29
CA ASP A 247 -2.41 -11.31 16.84
CA ASP A 247 -2.45 -11.28 16.82
C ASP A 247 -2.90 -10.80 15.45
N ALA A 248 -1.94 -10.54 14.58
CA ALA A 248 -2.15 -10.20 13.19
C ALA A 248 -1.09 -10.90 12.38
N GLY A 249 -1.45 -11.21 11.13
CA GLY A 249 -0.52 -11.69 10.11
C GLY A 249 -0.07 -10.57 9.21
N HIS A 250 -0.19 -10.80 7.89
CA HIS A 250 0.28 -9.86 6.88
C HIS A 250 -0.64 -8.68 6.68
N LEU A 251 -1.88 -8.74 7.19
CA LEU A 251 -2.85 -7.66 7.00
C LEU A 251 -3.33 -7.04 8.31
N PRO A 252 -2.41 -6.52 9.14
CA PRO A 252 -2.86 -5.87 10.37
C PRO A 252 -3.98 -4.84 10.23
N PRO A 253 -4.02 -3.99 9.19
CA PRO A 253 -5.09 -2.98 9.14
C PRO A 253 -6.49 -3.58 9.18
N MET A 254 -6.63 -4.79 8.61
CA MET A 254 -7.90 -5.48 8.66
CA MET A 254 -7.89 -5.54 8.57
C MET A 254 -8.04 -6.44 9.80
N GLU A 255 -6.96 -7.07 10.22
CA GLU A 255 -7.01 -8.08 11.29
C GLU A 255 -7.10 -7.46 12.68
N GLN A 256 -6.41 -6.35 12.89
CA GLN A 256 -6.35 -5.66 14.19
C GLN A 256 -6.50 -4.17 13.92
N PRO A 257 -7.68 -3.77 13.44
CA PRO A 257 -7.81 -2.42 12.92
C PRO A 257 -7.57 -1.36 13.98
N GLU A 258 -8.09 -1.57 15.20
CA GLU A 258 -7.95 -0.56 16.24
C GLU A 258 -6.50 -0.38 16.64
N ARG A 259 -5.75 -1.48 16.75
CA ARG A 259 -4.33 -1.39 17.10
CA ARG A 259 -4.35 -1.37 17.12
C ARG A 259 -3.58 -0.63 16.03
N VAL A 260 -3.87 -0.92 14.76
CA VAL A 260 -3.19 -0.21 13.68
C VAL A 260 -3.53 1.28 13.68
N THR A 261 -4.82 1.58 13.82
CA THR A 261 -5.26 2.97 13.85
C THR A 261 -4.54 3.74 14.96
N GLN A 262 -4.47 3.13 16.15
CA GLN A 262 -3.80 3.79 17.28
C GLN A 262 -2.32 4.00 17.03
N ALA A 263 -1.64 2.97 16.51
CA ALA A 263 -0.21 3.11 16.24
C ALA A 263 0.06 4.24 15.26
N ILE A 264 -0.74 4.30 14.19
CA ILE A 264 -0.60 5.36 13.20
C ILE A 264 -0.94 6.74 13.81
N ARG A 265 -2.06 6.82 14.53
CA ARG A 265 -2.49 8.08 15.11
C ARG A 265 -1.40 8.67 16.02
N GLU A 266 -0.86 7.86 16.90
CA GLU A 266 0.08 8.44 17.86
CA GLU A 266 0.15 8.34 17.89
C GLU A 266 1.38 8.88 17.17
N TRP A 267 1.81 8.14 16.14
CA TRP A 267 3.00 8.50 15.39
C TRP A 267 2.76 9.78 14.58
N LEU A 268 1.60 9.86 13.92
CA LEU A 268 1.26 11.02 13.16
C LEU A 268 1.27 12.28 14.02
N ARG A 269 0.79 12.16 15.26
CA ARG A 269 0.79 13.34 16.17
C ARG A 269 2.19 13.84 16.42
N LYS A 270 3.15 12.93 16.47
CA LYS A 270 4.54 13.28 16.69
CA LYS A 270 4.52 13.34 16.70
C LYS A 270 5.13 13.95 15.44
N VAL A 271 4.82 13.40 14.28
CA VAL A 271 5.49 13.78 13.04
CA VAL A 271 5.57 13.83 13.11
C VAL A 271 4.86 14.92 12.29
N HIS A 272 3.59 14.71 11.99
CA HIS A 272 2.81 15.47 11.01
C HIS A 272 2.01 16.59 11.70
N THR A 273 2.64 17.75 11.80
CA THR A 273 2.13 18.90 12.55
C THR A 273 1.92 20.10 11.59
N GLU A 274 0.98 20.98 11.95
CA GLU A 274 0.64 22.16 11.12
CA GLU A 274 0.66 22.14 11.10
C GLU A 274 1.83 23.11 11.02
AS CAD B . 4.88 -10.57 -1.95
C1 CAD B . 4.67 -11.88 -3.16
C2 CAD B . 6.36 -10.97 -0.78
O1 CAD B . 5.09 -9.16 -2.79
O2 CAD B . 3.25 -10.50 -0.97
C1 PEG C . 14.41 -6.83 -13.38
C1 PEG C . 14.16 -7.01 -13.26
O1 PEG C . 13.96 -6.02 -14.47
O1 PEG C . 13.64 -7.09 -14.59
C2 PEG C . 15.26 -6.01 -12.42
C2 PEG C . 14.56 -5.60 -12.88
O2 PEG C . 14.53 -5.72 -11.21
O2 PEG C . 14.99 -5.50 -11.50
C3 PEG C . 15.28 -5.85 -9.99
C3 PEG C . 15.73 -6.61 -11.01
C4 PEG C . 16.24 -7.03 -10.03
C4 PEG C . 16.15 -6.42 -9.56
O4 PEG C . 17.40 -6.92 -9.17
O4 PEG C . 16.91 -7.58 -9.12
CL CL D . 9.77 -0.38 -5.48
#